data_2JHN
#
_entry.id   2JHN
#
_cell.length_a   69.494
_cell.length_b   49.968
_cell.length_c   105.798
_cell.angle_alpha   90.00
_cell.angle_beta   107.43
_cell.angle_gamma   90.00
#
_symmetry.space_group_name_H-M   'P 1 21 1'
#
loop_
_entity.id
_entity.type
_entity.pdbx_description
1 polymer '3-METHYLADENINE DNA-GLYCOSYLASE'
2 non-polymer 'MERCURIBENZOIC ACID'
3 non-polymer 'MERCURY (II) ION'
4 non-polymer 'SODIUM ION'
5 non-polymer GLYCEROL
6 non-polymer '2-(N-MORPHOLINO)-ETHANESULFONIC ACID'
7 water water
#
_entity_poly.entity_id   1
_entity_poly.type   'polypeptide(L)'
_entity_poly.pdbx_seq_one_letter_code
;MWRIELKHAVNWELKMKFFVLPELPTPDVVESGVWRRAIVLDGRAVAVMAYPESERTIVVEGNFENREWEAVRRKLVEYL
GLQNPEELYRFMDGDEKLRMLKNRFYGFGRAGLMSMSVFEGIAKAIIQQQISFVVAEKLAAKIVGRFGDEVEWNGLKFYG
FPTQEAILKAGVEGLRECGLSRRKAELIVEIAKEENLEELKEWGEEEAYEYLTSFKGIGRWTAELVLSIALGKNVFPADD
LGVRRAVSRLYFNGEIQSAEKVREIARERFGRFARDILFYLFLYDRFFSKKTELV
;
_entity_poly.pdbx_strand_id   A,B
#
# COMPACT_ATOMS: atom_id res chain seq x y z
N MET A 1 -31.06 -0.20 7.26
CA MET A 1 -31.41 -1.13 8.36
C MET A 1 -31.82 -2.46 7.79
N TRP A 2 -31.16 -3.51 8.26
CA TRP A 2 -31.66 -4.85 8.12
C TRP A 2 -31.61 -5.44 9.52
N ARG A 3 -32.37 -6.51 9.72
CA ARG A 3 -32.49 -7.18 11.02
C ARG A 3 -32.26 -8.68 10.88
N ILE A 4 -31.45 -9.22 11.79
CA ILE A 4 -31.25 -10.66 11.91
C ILE A 4 -32.03 -11.15 13.12
N GLU A 5 -33.09 -11.92 12.88
CA GLU A 5 -33.95 -12.41 13.96
C GLU A 5 -33.53 -13.81 14.41
N LEU A 6 -33.28 -13.97 15.70
CA LEU A 6 -32.75 -15.20 16.28
C LEU A 6 -33.86 -15.97 16.99
N LYS A 7 -33.72 -17.30 17.05
CA LYS A 7 -34.68 -18.12 17.82
C LYS A 7 -34.38 -18.06 19.32
N HIS A 8 -33.12 -17.85 19.67
CA HIS A 8 -32.64 -17.88 21.05
C HIS A 8 -31.92 -16.56 21.40
N ALA A 9 -31.94 -16.12 22.66
CA ALA A 9 -31.19 -14.91 23.06
C ALA A 9 -29.67 -15.12 22.88
N VAL A 10 -28.96 -14.06 22.55
CA VAL A 10 -27.49 -14.06 22.52
C VAL A 10 -27.05 -12.93 23.43
N ASN A 11 -26.00 -13.17 24.20
CA ASN A 11 -25.39 -12.13 24.99
C ASN A 11 -24.34 -11.41 24.13
N TRP A 12 -24.71 -10.25 23.59
CA TRP A 12 -23.83 -9.49 22.73
C TRP A 12 -22.56 -9.05 23.43
N GLU A 13 -22.67 -8.67 24.70
CA GLU A 13 -21.49 -8.21 25.43
C GLU A 13 -20.41 -9.29 25.49
N LEU A 14 -20.83 -10.54 25.75
CA LEU A 14 -19.93 -11.70 25.75
C LEU A 14 -19.35 -12.02 24.35
N LYS A 15 -20.18 -11.92 23.32
CA LYS A 15 -19.69 -12.03 21.92
C LYS A 15 -18.59 -11.01 21.64
N MET A 16 -18.79 -9.77 22.08
CA MET A 16 -17.79 -8.70 21.88
C MET A 16 -16.53 -8.86 22.75
N LYS A 17 -16.70 -9.43 23.95
N LYS A 17 -16.71 -9.45 23.94
CA LYS A 17 -15.57 -9.67 24.85
CA LYS A 17 -15.63 -9.74 24.89
C LYS A 17 -14.56 -10.63 24.23
C LYS A 17 -14.60 -10.67 24.28
N PHE A 18 -15.02 -11.41 23.25
CA PHE A 18 -14.13 -12.35 22.58
C PHE A 18 -13.00 -11.65 21.85
N PHE A 19 -13.24 -10.41 21.41
CA PHE A 19 -12.25 -9.56 20.77
C PHE A 19 -11.23 -9.06 21.78
N VAL A 20 -9.96 -9.22 21.45
CA VAL A 20 -8.89 -9.00 22.41
C VAL A 20 -8.49 -7.51 22.49
N LEU A 21 -8.53 -6.83 21.36
CA LEU A 21 -8.21 -5.40 21.29
C LEU A 21 -9.29 -4.69 20.48
N PRO A 22 -10.48 -4.48 21.11
CA PRO A 22 -11.68 -4.03 20.40
C PRO A 22 -11.53 -2.66 19.71
N GLU A 23 -10.78 -1.75 20.31
CA GLU A 23 -10.63 -0.38 19.80
C GLU A 23 -9.77 -0.30 18.52
N LEU A 24 -8.77 -1.16 18.46
CA LEU A 24 -7.82 -1.17 17.37
C LEU A 24 -8.39 -1.91 16.16
N PRO A 25 -8.26 -1.36 14.94
CA PRO A 25 -8.77 -2.06 13.74
C PRO A 25 -7.95 -3.28 13.39
N THR A 26 -8.46 -4.47 13.74
CA THR A 26 -7.69 -5.68 13.62
C THR A 26 -8.14 -6.76 12.57
N PRO A 27 -9.00 -6.44 11.59
CA PRO A 27 -9.58 -5.16 11.16
C PRO A 27 -10.83 -4.74 11.94
N ASP A 28 -11.38 -5.64 12.77
CA ASP A 28 -12.65 -5.35 13.45
C ASP A 28 -12.43 -4.22 14.46
N VAL A 29 -13.43 -3.34 14.53
CA VAL A 29 -13.52 -2.33 15.58
C VAL A 29 -14.84 -2.49 16.32
N VAL A 30 -14.75 -2.46 17.64
CA VAL A 30 -15.92 -2.51 18.50
C VAL A 30 -15.87 -1.26 19.38
N GLU A 31 -16.86 -0.40 19.22
CA GLU A 31 -16.90 0.87 19.95
C GLU A 31 -18.30 1.04 20.47
N SER A 32 -18.41 1.17 21.79
CA SER A 32 -19.71 1.26 22.49
C SER A 32 -20.68 0.17 22.08
N GLY A 33 -20.18 -1.06 22.03
CA GLY A 33 -21.01 -2.23 21.73
C GLY A 33 -21.48 -2.34 20.29
N VAL A 34 -20.90 -1.54 19.40
CA VAL A 34 -21.22 -1.63 17.99
C VAL A 34 -19.98 -2.17 17.27
N TRP A 35 -20.14 -3.31 16.60
CA TRP A 35 -19.09 -3.96 15.84
C TRP A 35 -19.09 -3.45 14.40
N ARG A 36 -17.90 -3.25 13.82
CA ARG A 36 -17.83 -2.92 12.40
C ARG A 36 -16.55 -3.33 11.71
N ARG A 37 -16.67 -3.54 10.40
N ARG A 37 -16.66 -3.56 10.41
CA ARG A 37 -15.52 -3.73 9.52
CA ARG A 37 -15.51 -3.75 9.52
C ARG A 37 -15.92 -3.53 8.07
C ARG A 37 -15.92 -3.53 8.08
N ALA A 38 -14.92 -3.44 7.21
CA ALA A 38 -15.14 -3.42 5.78
C ALA A 38 -15.02 -4.87 5.33
N ILE A 39 -15.93 -5.30 4.47
CA ILE A 39 -15.82 -6.61 3.87
C ILE A 39 -15.74 -6.46 2.33
N VAL A 40 -15.02 -7.35 1.68
CA VAL A 40 -14.96 -7.33 0.22
C VAL A 40 -16.12 -8.14 -0.31
N LEU A 41 -16.95 -7.50 -1.12
CA LEU A 41 -18.16 -8.11 -1.63
C LEU A 41 -18.23 -7.83 -3.12
N ASP A 42 -18.17 -8.91 -3.90
CA ASP A 42 -18.05 -8.86 -5.37
C ASP A 42 -17.00 -7.85 -5.85
N GLY A 43 -15.77 -8.04 -5.37
CA GLY A 43 -14.63 -7.26 -5.81
C GLY A 43 -14.59 -5.82 -5.36
N ARG A 44 -15.45 -5.47 -4.41
CA ARG A 44 -15.45 -4.13 -3.85
C ARG A 44 -15.67 -4.17 -2.32
N ALA A 45 -15.03 -3.25 -1.60
CA ALA A 45 -15.17 -3.19 -0.14
C ALA A 45 -16.40 -2.38 0.25
N VAL A 46 -17.21 -2.98 1.12
CA VAL A 46 -18.40 -2.35 1.68
C VAL A 46 -18.27 -2.20 3.20
N ALA A 47 -18.97 -1.21 3.74
CA ALA A 47 -19.06 -0.98 5.17
C ALA A 47 -20.18 -1.84 5.74
N VAL A 48 -19.91 -2.55 6.83
CA VAL A 48 -20.94 -3.30 7.56
C VAL A 48 -20.77 -3.00 9.05
N MET A 49 -21.87 -2.76 9.75
CA MET A 49 -21.83 -2.67 11.21
C MET A 49 -23.03 -3.42 11.77
N ALA A 50 -22.91 -3.86 13.02
CA ALA A 50 -23.98 -4.64 13.65
C ALA A 50 -23.98 -4.40 15.14
N TYR A 51 -25.18 -4.48 15.72
CA TYR A 51 -25.39 -4.21 17.13
C TYR A 51 -26.81 -4.70 17.46
N PRO A 52 -27.04 -5.10 18.72
CA PRO A 52 -28.32 -5.63 19.15
C PRO A 52 -29.38 -4.53 19.32
N GLU A 53 -30.62 -4.80 18.91
CA GLU A 53 -31.70 -3.94 19.41
C GLU A 53 -32.48 -4.63 20.54
N SER A 54 -32.34 -5.95 20.62
CA SER A 54 -32.89 -6.76 21.73
C SER A 54 -32.09 -8.05 21.88
N GLU A 55 -32.42 -8.84 22.90
CA GLU A 55 -31.76 -10.13 23.13
C GLU A 55 -31.75 -11.04 21.90
N ARG A 56 -32.78 -10.93 21.05
CA ARG A 56 -32.97 -11.83 19.91
C ARG A 56 -32.94 -11.16 18.53
N THR A 57 -32.48 -9.91 18.47
CA THR A 57 -32.50 -9.18 17.21
C THR A 57 -31.23 -8.40 17.05
N ILE A 58 -30.49 -8.70 15.97
CA ILE A 58 -29.27 -7.96 15.66
C ILE A 58 -29.57 -7.08 14.44
N VAL A 59 -29.38 -5.78 14.61
CA VAL A 59 -29.47 -4.83 13.52
C VAL A 59 -28.14 -4.79 12.74
N VAL A 60 -28.27 -4.78 11.41
CA VAL A 60 -27.13 -4.55 10.50
C VAL A 60 -27.36 -3.27 9.66
N GLU A 61 -26.33 -2.43 9.61
CA GLU A 61 -26.31 -1.30 8.69
C GLU A 61 -25.06 -1.37 7.84
N GLY A 62 -25.14 -0.80 6.63
CA GLY A 62 -23.99 -0.81 5.73
C GLY A 62 -24.36 -0.22 4.39
N ASN A 63 -23.37 -0.13 3.49
CA ASN A 63 -23.59 0.52 2.20
C ASN A 63 -23.64 -0.44 1.01
N PHE A 64 -23.81 -1.73 1.30
CA PHE A 64 -24.13 -2.74 0.28
C PHE A 64 -25.57 -2.58 -0.24
N GLU A 65 -25.86 -3.23 -1.36
CA GLU A 65 -27.18 -3.15 -1.97
C GLU A 65 -28.17 -4.09 -1.27
N ASN A 66 -29.45 -3.78 -1.36
CA ASN A 66 -30.51 -4.60 -0.75
C ASN A 66 -30.48 -6.04 -1.23
N ARG A 67 -30.16 -6.23 -2.51
CA ARG A 67 -30.08 -7.56 -3.08
C ARG A 67 -28.86 -8.36 -2.59
N GLU A 68 -27.91 -7.68 -1.94
CA GLU A 68 -26.74 -8.33 -1.35
C GLU A 68 -26.97 -8.74 0.12
N TRP A 69 -28.12 -8.37 0.68
CA TRP A 69 -28.44 -8.66 2.08
C TRP A 69 -28.34 -10.13 2.45
N GLU A 70 -28.93 -11.01 1.64
CA GLU A 70 -28.91 -12.44 1.94
C GLU A 70 -27.47 -12.97 2.13
N ALA A 71 -26.56 -12.53 1.26
CA ALA A 71 -25.16 -12.93 1.31
C ALA A 71 -24.49 -12.36 2.56
N VAL A 72 -24.73 -11.07 2.83
CA VAL A 72 -24.14 -10.42 4.00
C VAL A 72 -24.66 -11.11 5.29
N ARG A 73 -25.95 -11.39 5.33
CA ARG A 73 -26.57 -12.00 6.52
C ARG A 73 -25.93 -13.36 6.82
N ARG A 74 -25.72 -14.16 5.78
CA ARG A 74 -25.11 -15.50 5.91
C ARG A 74 -23.71 -15.37 6.49
N LYS A 75 -22.97 -14.39 5.96
CA LYS A 75 -21.57 -14.16 6.40
C LYS A 75 -21.55 -13.75 7.87
N LEU A 76 -22.46 -12.87 8.28
CA LEU A 76 -22.45 -12.39 9.68
C LEU A 76 -22.91 -13.44 10.69
N VAL A 77 -23.92 -14.23 10.31
CA VAL A 77 -24.41 -15.31 11.16
C VAL A 77 -23.28 -16.30 11.46
N GLU A 78 -22.55 -16.68 10.41
CA GLU A 78 -21.45 -17.63 10.53
C GLU A 78 -20.26 -17.02 11.31
N TYR A 79 -19.92 -15.77 11.01
CA TYR A 79 -18.75 -15.13 11.63
C TYR A 79 -18.94 -14.81 13.13
N LEU A 80 -20.10 -14.26 13.45
CA LEU A 80 -20.41 -13.87 14.84
C LEU A 80 -20.94 -15.04 15.66
N GLY A 81 -21.31 -16.14 14.99
CA GLY A 81 -21.77 -17.35 15.69
C GLY A 81 -23.20 -17.16 16.24
N LEU A 82 -24.15 -16.80 15.39
CA LEU A 82 -25.50 -16.44 15.90
C LEU A 82 -26.51 -17.59 15.87
N GLN A 83 -26.05 -18.77 15.44
CA GLN A 83 -26.93 -19.93 15.24
C GLN A 83 -27.46 -20.45 16.58
N ASN A 84 -28.66 -21.02 16.52
CA ASN A 84 -29.38 -21.56 17.66
C ASN A 84 -28.49 -22.49 18.51
N PRO A 85 -28.19 -22.10 19.77
CA PRO A 85 -27.32 -22.87 20.66
C PRO A 85 -28.04 -23.89 21.54
N GLU A 86 -29.30 -24.15 21.26
CA GLU A 86 -30.11 -24.98 22.18
C GLU A 86 -29.49 -26.36 22.42
N GLU A 87 -29.10 -27.01 21.32
CA GLU A 87 -28.56 -28.36 21.35
C GLU A 87 -27.16 -28.39 21.99
N LEU A 88 -26.34 -27.41 21.65
CA LEU A 88 -25.03 -27.26 22.30
C LEU A 88 -25.24 -27.15 23.81
N TYR A 89 -26.17 -26.30 24.19
CA TYR A 89 -26.38 -26.03 25.61
C TYR A 89 -26.86 -27.28 26.36
N ARG A 90 -27.79 -28.00 25.74
CA ARG A 90 -28.25 -29.30 26.27
C ARG A 90 -27.08 -30.26 26.50
N PHE A 91 -26.19 -30.33 25.51
CA PHE A 91 -25.00 -31.18 25.56
C PHE A 91 -24.03 -30.75 26.68
N MET A 92 -23.75 -29.45 26.77
CA MET A 92 -22.87 -28.96 27.82
C MET A 92 -23.41 -29.29 29.24
N ASP A 93 -24.74 -29.29 29.36
CA ASP A 93 -25.42 -29.51 30.64
C ASP A 93 -25.15 -30.92 31.17
N GLY A 94 -24.85 -31.82 30.23
CA GLY A 94 -24.63 -33.23 30.52
C GLY A 94 -23.25 -33.56 31.03
N ASP A 95 -22.42 -32.53 31.25
CA ASP A 95 -21.07 -32.74 31.73
C ASP A 95 -20.80 -31.66 32.79
N GLU A 96 -20.37 -32.07 33.99
CA GLU A 96 -20.25 -31.13 35.11
C GLU A 96 -19.36 -29.92 34.76
N LYS A 97 -18.19 -30.20 34.18
CA LYS A 97 -17.23 -29.17 33.77
C LYS A 97 -17.72 -28.32 32.58
N LEU A 98 -18.33 -28.93 31.55
CA LEU A 98 -18.95 -28.13 30.48
C LEU A 98 -20.05 -27.23 30.99
N ARG A 99 -20.86 -27.73 31.94
CA ARG A 99 -21.94 -26.94 32.50
C ARG A 99 -21.40 -25.70 33.23
N MET A 100 -20.29 -25.89 33.94
N MET A 100 -20.32 -25.85 33.98
CA MET A 100 -19.51 -24.86 34.62
CA MET A 100 -19.69 -24.69 34.60
C MET A 100 -19.01 -23.76 33.66
C MET A 100 -19.27 -23.71 33.49
N LEU A 101 -18.51 -24.18 32.51
CA LEU A 101 -18.08 -23.28 31.41
C LEU A 101 -19.27 -22.55 30.80
N LYS A 102 -20.33 -23.29 30.49
CA LYS A 102 -21.55 -22.70 29.93
C LYS A 102 -22.10 -21.61 30.84
N ASN A 103 -22.12 -21.86 32.15
CA ASN A 103 -22.67 -20.88 33.09
C ASN A 103 -21.76 -19.66 33.29
N ARG A 104 -20.44 -19.88 33.32
CA ARG A 104 -19.49 -18.79 33.43
C ARG A 104 -19.64 -17.81 32.25
N PHE A 105 -19.83 -18.35 31.04
CA PHE A 105 -19.98 -17.49 29.85
C PHE A 105 -21.39 -17.61 29.24
N TYR A 106 -22.40 -17.58 30.10
CA TYR A 106 -23.75 -17.89 29.63
C TYR A 106 -24.28 -16.87 28.62
N GLY A 107 -24.80 -17.36 27.49
CA GLY A 107 -25.32 -16.47 26.44
C GLY A 107 -24.33 -16.25 25.32
N PHE A 108 -23.12 -16.79 25.49
CA PHE A 108 -22.13 -16.77 24.40
C PHE A 108 -22.60 -17.56 23.17
N GLY A 109 -23.38 -18.63 23.38
CA GLY A 109 -23.97 -19.37 22.23
C GLY A 109 -22.93 -20.25 21.54
N ARG A 110 -23.12 -20.42 20.24
CA ARG A 110 -22.20 -21.20 19.41
C ARG A 110 -21.00 -20.39 18.99
N ALA A 111 -19.92 -21.08 18.63
CA ALA A 111 -18.71 -20.42 18.14
C ALA A 111 -18.98 -19.80 16.77
N GLY A 112 -18.44 -18.60 16.58
CA GLY A 112 -18.35 -18.03 15.21
C GLY A 112 -17.07 -18.47 14.51
N LEU A 113 -16.45 -17.53 13.80
CA LEU A 113 -15.14 -17.74 13.18
C LEU A 113 -14.25 -16.57 13.61
N MET A 114 -12.94 -16.73 13.42
CA MET A 114 -12.03 -15.63 13.76
C MET A 114 -11.48 -14.86 12.52
N SER A 115 -12.12 -15.08 11.36
CA SER A 115 -11.80 -14.41 10.10
C SER A 115 -13.02 -14.36 9.17
N MET A 116 -13.05 -13.40 8.26
N MET A 116 -13.03 -13.39 8.28
CA MET A 116 -14.12 -13.29 7.27
CA MET A 116 -14.09 -13.25 7.26
C MET A 116 -13.70 -13.76 5.86
C MET A 116 -13.80 -14.01 5.96
N SER A 117 -12.54 -14.41 5.79
CA SER A 117 -12.12 -15.14 4.58
C SER A 117 -11.07 -16.18 4.99
N VAL A 118 -10.91 -17.21 4.16
CA VAL A 118 -9.88 -18.23 4.38
C VAL A 118 -8.48 -17.60 4.40
N PHE A 119 -8.21 -16.74 3.42
CA PHE A 119 -6.95 -16.03 3.38
C PHE A 119 -6.64 -15.29 4.70
N GLU A 120 -7.60 -14.54 5.22
CA GLU A 120 -7.39 -13.84 6.49
C GLU A 120 -7.09 -14.83 7.63
N GLY A 121 -7.86 -15.91 7.70
CA GLY A 121 -7.65 -16.95 8.74
C GLY A 121 -6.26 -17.57 8.68
N ILE A 122 -5.80 -17.94 7.48
CA ILE A 122 -4.45 -18.49 7.36
C ILE A 122 -3.36 -17.48 7.75
N ALA A 123 -3.46 -16.26 7.20
CA ALA A 123 -2.49 -15.21 7.47
C ALA A 123 -2.39 -14.97 8.98
N LYS A 124 -3.53 -14.81 9.64
CA LYS A 124 -3.49 -14.54 11.08
C LYS A 124 -2.94 -15.73 11.90
N ALA A 125 -3.23 -16.96 11.46
CA ALA A 125 -2.70 -18.14 12.15
C ALA A 125 -1.15 -18.19 12.07
N ILE A 126 -0.62 -17.80 10.91
CA ILE A 126 0.79 -17.72 10.69
C ILE A 126 1.42 -16.62 11.56
N ILE A 127 0.80 -15.44 11.55
CA ILE A 127 1.24 -14.31 12.41
C ILE A 127 1.39 -14.73 13.87
N GLN A 128 0.42 -15.49 14.37
CA GLN A 128 0.43 -15.96 15.75
C GLN A 128 1.53 -16.97 16.14
N GLN A 129 2.22 -17.56 15.17
CA GLN A 129 3.25 -18.58 15.45
C GLN A 129 4.32 -18.05 16.44
N GLN A 130 4.48 -18.76 17.56
CA GLN A 130 5.52 -18.49 18.59
C GLN A 130 5.34 -17.18 19.38
N ILE A 131 4.19 -16.52 19.26
CA ILE A 131 3.95 -15.27 20.00
C ILE A 131 2.59 -15.28 20.67
N SER A 132 2.34 -14.30 21.54
CA SER A 132 1.05 -14.20 22.22
C SER A 132 0.00 -13.69 21.24
N PHE A 133 -1.26 -13.99 21.53
CA PHE A 133 -2.38 -13.50 20.73
C PHE A 133 -2.46 -11.96 20.69
N VAL A 134 -2.28 -11.30 21.85
CA VAL A 134 -2.27 -9.83 21.90
C VAL A 134 -1.20 -9.21 20.98
N VAL A 135 0.03 -9.73 21.01
CA VAL A 135 1.11 -9.27 20.09
C VAL A 135 0.73 -9.52 18.61
N ALA A 136 0.11 -10.69 18.35
CA ALA A 136 -0.33 -11.06 17.01
C ALA A 136 -1.37 -10.08 16.47
N GLU A 137 -2.33 -9.71 17.32
CA GLU A 137 -3.38 -8.77 16.95
C GLU A 137 -2.86 -7.34 16.65
N LYS A 138 -1.85 -6.91 17.40
CA LYS A 138 -1.19 -5.62 17.10
C LYS A 138 -0.50 -5.67 15.74
N LEU A 139 0.12 -6.80 15.42
CA LEU A 139 0.74 -7.00 14.11
C LEU A 139 -0.32 -6.95 13.02
N ALA A 140 -1.46 -7.62 13.24
CA ALA A 140 -2.59 -7.57 12.30
C ALA A 140 -3.04 -6.13 12.05
N ALA A 141 -3.18 -5.36 13.14
CA ALA A 141 -3.57 -3.95 13.03
C ALA A 141 -2.58 -3.10 12.19
N LYS A 142 -1.29 -3.38 12.30
CA LYS A 142 -0.27 -2.69 11.49
C LYS A 142 -0.51 -3.00 10.02
N ILE A 143 -0.71 -4.27 9.71
CA ILE A 143 -0.90 -4.69 8.33
C ILE A 143 -2.21 -4.18 7.72
N VAL A 144 -3.28 -4.16 8.54
CA VAL A 144 -4.57 -3.64 8.11
C VAL A 144 -4.45 -2.14 7.84
N GLY A 145 -3.73 -1.46 8.71
CA GLY A 145 -3.62 0.01 8.61
C GLY A 145 -2.97 0.38 7.30
N ARG A 146 -1.92 -0.34 6.93
CA ARG A 146 -1.15 0.05 5.75
C ARG A 146 -1.64 -0.57 4.43
N PHE A 147 -2.12 -1.81 4.51
CA PHE A 147 -2.41 -2.59 3.31
C PHE A 147 -3.89 -3.00 3.17
N GLY A 148 -4.66 -2.79 4.22
CA GLY A 148 -6.08 -3.15 4.18
C GLY A 148 -6.95 -2.13 3.49
N ASP A 149 -8.15 -2.56 3.13
CA ASP A 149 -9.16 -1.65 2.59
C ASP A 149 -9.66 -0.69 3.66
N GLU A 150 -10.06 0.50 3.23
CA GLU A 150 -10.66 1.50 4.12
C GLU A 150 -11.90 2.05 3.42
N VAL A 151 -13.02 2.04 4.14
CA VAL A 151 -14.27 2.59 3.63
C VAL A 151 -14.74 3.65 4.61
N GLU A 152 -15.04 4.83 4.09
CA GLU A 152 -15.69 5.87 4.87
C GLU A 152 -17.16 5.88 4.49
N TRP A 153 -18.02 5.76 5.50
CA TRP A 153 -19.48 5.71 5.32
C TRP A 153 -20.12 6.21 6.60
N ASN A 154 -21.22 6.96 6.44
CA ASN A 154 -21.69 7.87 7.50
C ASN A 154 -20.48 8.73 7.89
N GLY A 155 -20.23 8.86 9.19
CA GLY A 155 -19.04 9.58 9.61
C GLY A 155 -17.91 8.67 10.06
N LEU A 156 -18.00 7.40 9.69
CA LEU A 156 -17.20 6.35 10.32
C LEU A 156 -16.23 5.67 9.38
N LYS A 157 -15.06 5.28 9.90
CA LYS A 157 -14.10 4.54 9.10
C LYS A 157 -14.27 3.02 9.33
N PHE A 158 -14.34 2.27 8.24
CA PHE A 158 -14.44 0.79 8.28
C PHE A 158 -13.19 0.17 7.67
N TYR A 159 -12.56 -0.75 8.40
CA TYR A 159 -11.28 -1.33 7.97
C TYR A 159 -11.48 -2.79 7.56
N GLY A 160 -10.77 -3.22 6.50
CA GLY A 160 -10.80 -4.62 6.05
C GLY A 160 -9.42 -5.29 6.11
N PHE A 161 -9.39 -6.63 6.19
CA PHE A 161 -8.13 -7.33 6.11
C PHE A 161 -7.59 -7.25 4.66
N PRO A 162 -6.28 -7.06 4.48
CA PRO A 162 -5.68 -7.00 3.11
C PRO A 162 -6.10 -8.16 2.21
N THR A 163 -6.44 -7.84 0.94
CA THR A 163 -6.75 -8.83 -0.08
C THR A 163 -5.46 -9.56 -0.43
N GLN A 164 -5.57 -10.72 -1.09
CA GLN A 164 -4.35 -11.43 -1.55
C GLN A 164 -3.51 -10.53 -2.45
N GLU A 165 -4.18 -9.79 -3.31
CA GLU A 165 -3.55 -8.80 -4.22
C GLU A 165 -2.73 -7.72 -3.51
N ALA A 166 -3.30 -7.17 -2.43
CA ALA A 166 -2.67 -6.13 -1.61
C ALA A 166 -1.41 -6.66 -0.92
N ILE A 167 -1.47 -7.91 -0.46
CA ILE A 167 -0.32 -8.61 0.14
C ILE A 167 0.83 -8.86 -0.85
N LEU A 168 0.47 -9.29 -2.06
CA LEU A 168 1.48 -9.51 -3.08
C LEU A 168 2.22 -8.20 -3.39
N LYS A 169 1.46 -7.11 -3.44
CA LYS A 169 2.03 -5.77 -3.62
C LYS A 169 2.89 -5.33 -2.43
N ALA A 170 2.41 -5.55 -1.20
CA ALA A 170 3.21 -5.27 0.00
C ALA A 170 4.54 -5.99 -0.06
N GLY A 171 4.50 -7.25 -0.52
CA GLY A 171 5.69 -8.11 -0.62
C GLY A 171 6.29 -8.50 0.71
N VAL A 172 7.32 -9.34 0.67
CA VAL A 172 8.02 -9.74 1.91
C VAL A 172 8.49 -8.50 2.69
N GLU A 173 9.14 -7.56 2.02
CA GLU A 173 9.71 -6.43 2.75
C GLU A 173 8.67 -5.51 3.40
N GLY A 174 7.53 -5.33 2.75
CA GLY A 174 6.45 -4.48 3.28
C GLY A 174 5.86 -5.07 4.56
N LEU A 175 5.69 -6.40 4.57
CA LEU A 175 5.26 -7.12 5.77
C LEU A 175 6.32 -7.06 6.88
N ARG A 176 7.61 -7.20 6.53
CA ARG A 176 8.68 -7.11 7.53
C ARG A 176 8.70 -5.72 8.16
N GLU A 177 8.45 -4.70 7.34
CA GLU A 177 8.39 -3.33 7.83
C GLU A 177 7.32 -3.13 8.89
N CYS A 178 6.20 -3.85 8.75
CA CYS A 178 5.10 -3.73 9.70
C CYS A 178 5.38 -4.53 11.00
N GLY A 179 6.46 -5.31 11.01
CA GLY A 179 6.89 -6.05 12.21
C GLY A 179 7.06 -7.56 12.08
N LEU A 180 6.63 -8.11 10.95
CA LEU A 180 6.71 -9.56 10.73
C LEU A 180 8.14 -10.05 10.46
N SER A 181 8.47 -11.18 11.09
CA SER A 181 9.72 -11.89 10.84
C SER A 181 9.81 -12.21 9.37
N ARG A 182 11.01 -12.35 8.85
CA ARG A 182 11.18 -12.65 7.43
C ARG A 182 10.45 -13.93 6.93
N ARG A 183 10.53 -15.03 7.68
N ARG A 183 10.53 -15.03 7.68
CA ARG A 183 9.91 -16.29 7.24
CA ARG A 183 9.93 -16.28 7.21
C ARG A 183 8.38 -16.19 7.22
C ARG A 183 8.38 -16.28 7.27
N LYS A 184 7.81 -15.57 8.25
CA LYS A 184 6.34 -15.33 8.32
C LYS A 184 5.90 -14.53 7.09
N ALA A 185 6.55 -13.39 6.85
CA ALA A 185 6.31 -12.59 5.65
C ALA A 185 6.41 -13.41 4.39
N GLU A 186 7.45 -14.23 4.30
CA GLU A 186 7.65 -15.12 3.18
C GLU A 186 6.51 -16.12 2.98
N LEU A 187 6.04 -16.72 4.08
CA LEU A 187 4.98 -17.72 4.01
C LEU A 187 3.62 -17.07 3.63
N ILE A 188 3.31 -15.91 4.21
CA ILE A 188 2.07 -15.19 3.89
C ILE A 188 2.04 -14.81 2.41
N VAL A 189 3.16 -14.29 1.89
CA VAL A 189 3.23 -13.98 0.46
C VAL A 189 2.99 -15.27 -0.37
N GLU A 190 3.60 -16.38 0.05
CA GLU A 190 3.41 -17.68 -0.59
C GLU A 190 1.92 -18.08 -0.69
N ILE A 191 1.22 -17.97 0.44
CA ILE A 191 -0.20 -18.26 0.50
C ILE A 191 -1.01 -17.31 -0.40
N ALA A 192 -0.61 -16.04 -0.44
CA ALA A 192 -1.30 -15.03 -1.28
C ALA A 192 -1.34 -15.36 -2.79
N LYS A 193 -0.34 -16.09 -3.25
CA LYS A 193 -0.29 -16.58 -4.65
C LYS A 193 -1.32 -17.66 -5.01
N GLU A 194 -1.94 -18.28 -4.01
CA GLU A 194 -2.87 -19.38 -4.24
C GLU A 194 -4.20 -18.90 -4.79
N GLU A 195 -4.67 -19.56 -5.85
CA GLU A 195 -5.97 -19.25 -6.42
C GLU A 195 -7.07 -20.05 -5.74
N ASN A 196 -8.29 -19.55 -5.82
CA ASN A 196 -9.49 -20.25 -5.33
C ASN A 196 -9.44 -20.62 -3.85
N LEU A 197 -8.69 -19.84 -3.07
CA LEU A 197 -8.46 -20.18 -1.69
C LEU A 197 -9.74 -20.23 -0.83
N GLU A 198 -10.74 -19.39 -1.13
CA GLU A 198 -11.97 -19.44 -0.34
C GLU A 198 -12.65 -20.82 -0.42
N GLU A 199 -12.40 -21.55 -1.52
CA GLU A 199 -12.98 -22.90 -1.66
C GLU A 199 -12.51 -23.91 -0.60
N LEU A 200 -11.40 -23.60 0.09
CA LEU A 200 -10.86 -24.51 1.10
C LEU A 200 -11.88 -24.81 2.19
N LYS A 201 -12.76 -23.84 2.46
CA LYS A 201 -13.86 -24.03 3.41
C LYS A 201 -14.74 -25.24 3.15
N GLU A 202 -14.90 -25.58 1.87
CA GLU A 202 -15.81 -26.66 1.47
C GLU A 202 -15.11 -27.99 1.25
N TRP A 203 -13.78 -28.02 1.43
CA TRP A 203 -13.00 -29.25 1.34
C TRP A 203 -13.23 -30.09 2.59
N GLY A 204 -12.95 -31.39 2.48
CA GLY A 204 -12.98 -32.25 3.66
C GLY A 204 -11.83 -31.91 4.57
N GLU A 205 -11.97 -32.28 5.86
CA GLU A 205 -10.96 -32.08 6.91
C GLU A 205 -9.60 -32.62 6.54
N GLU A 206 -9.54 -33.89 6.14
CA GLU A 206 -8.25 -34.52 5.87
C GLU A 206 -7.55 -33.94 4.66
N GLU A 207 -8.30 -33.67 3.59
CA GLU A 207 -7.78 -33.00 2.39
C GLU A 207 -7.27 -31.56 2.69
N ALA A 208 -8.06 -30.83 3.47
CA ALA A 208 -7.66 -29.47 3.88
C ALA A 208 -6.43 -29.51 4.77
N TYR A 209 -6.37 -30.48 5.70
CA TYR A 209 -5.18 -30.67 6.56
C TYR A 209 -3.91 -30.92 5.73
N GLU A 210 -4.01 -31.79 4.73
N GLU A 210 -4.04 -31.82 4.76
CA GLU A 210 -2.83 -32.10 3.91
CA GLU A 210 -2.96 -32.17 3.83
C GLU A 210 -2.43 -30.94 3.02
C GLU A 210 -2.47 -30.91 3.14
N TYR A 211 -3.40 -30.14 2.57
CA TYR A 211 -3.08 -28.94 1.82
C TYR A 211 -2.34 -27.93 2.70
N LEU A 212 -2.89 -27.63 3.88
CA LEU A 212 -2.27 -26.63 4.76
C LEU A 212 -0.85 -27.05 5.14
N THR A 213 -0.68 -28.31 5.55
CA THR A 213 0.60 -28.78 6.05
C THR A 213 1.61 -29.01 4.93
N SER A 214 1.13 -29.00 3.68
CA SER A 214 2.02 -29.09 2.51
C SER A 214 2.90 -27.84 2.31
N PHE A 215 2.55 -26.73 2.97
CA PHE A 215 3.41 -25.56 2.97
C PHE A 215 4.49 -25.68 4.05
N LYS A 216 5.75 -25.39 3.70
CA LYS A 216 6.81 -25.45 4.70
C LYS A 216 6.66 -24.29 5.69
N GLY A 217 6.41 -24.64 6.95
CA GLY A 217 6.27 -23.65 8.00
C GLY A 217 4.86 -23.69 8.59
N ILE A 218 4.00 -24.49 7.95
CA ILE A 218 2.67 -24.79 8.51
C ILE A 218 2.70 -26.24 8.99
N GLY A 219 2.63 -26.42 10.31
CA GLY A 219 2.58 -27.78 10.88
C GLY A 219 1.21 -28.09 11.48
N ARG A 220 1.19 -29.11 12.35
CA ARG A 220 -0.07 -29.63 12.87
C ARG A 220 -0.90 -28.55 13.61
N TRP A 221 -0.26 -27.79 14.51
CA TRP A 221 -0.97 -26.81 15.31
C TRP A 221 -1.61 -25.72 14.45
N THR A 222 -0.82 -25.09 13.57
CA THR A 222 -1.35 -24.06 12.67
C THR A 222 -2.47 -24.62 11.78
N ALA A 223 -2.29 -25.83 11.28
CA ALA A 223 -3.29 -26.40 10.35
C ALA A 223 -4.61 -26.68 11.11
N GLU A 224 -4.50 -27.28 12.30
CA GLU A 224 -5.70 -27.56 13.11
C GLU A 224 -6.38 -26.30 13.62
N LEU A 225 -5.59 -25.30 14.00
CA LEU A 225 -6.17 -23.99 14.39
C LEU A 225 -6.95 -23.38 13.19
N VAL A 226 -6.35 -23.37 12.01
CA VAL A 226 -7.05 -22.86 10.80
C VAL A 226 -8.34 -23.63 10.56
N LEU A 227 -8.25 -24.96 10.59
CA LEU A 227 -9.40 -25.80 10.34
C LEU A 227 -10.59 -25.43 11.25
N SER A 228 -10.31 -25.22 12.52
CA SER A 228 -11.38 -24.95 13.49
C SER A 228 -11.81 -23.47 13.47
N ILE A 229 -10.86 -22.56 13.59
CA ILE A 229 -11.19 -21.14 13.78
C ILE A 229 -11.47 -20.35 12.50
N ALA A 230 -10.98 -20.84 11.35
CA ALA A 230 -11.18 -20.19 10.05
C ALA A 230 -12.12 -20.97 9.11
N LEU A 231 -12.04 -22.29 9.13
CA LEU A 231 -12.76 -23.16 8.21
C LEU A 231 -14.06 -23.69 8.79
N GLY A 232 -14.26 -23.52 10.09
CA GLY A 232 -15.47 -24.01 10.75
C GLY A 232 -15.61 -25.54 10.89
N LYS A 233 -14.49 -26.26 10.82
CA LYS A 233 -14.49 -27.73 10.94
C LYS A 233 -14.24 -28.20 12.36
N ASN A 234 -14.81 -29.35 12.68
CA ASN A 234 -14.71 -29.89 14.02
C ASN A 234 -13.39 -30.64 14.21
N VAL A 235 -12.29 -29.88 14.18
CA VAL A 235 -10.95 -30.40 14.35
C VAL A 235 -10.43 -29.73 15.61
N PHE A 236 -9.93 -30.50 16.55
CA PHE A 236 -9.67 -29.91 17.86
C PHE A 236 -8.16 -29.74 18.01
N PRO A 237 -7.69 -28.47 18.08
CA PRO A 237 -6.24 -28.17 18.10
C PRO A 237 -5.55 -28.36 19.46
N ALA A 238 -5.28 -29.61 19.77
CA ALA A 238 -4.83 -30.01 21.12
C ALA A 238 -3.41 -29.56 21.47
N ASP A 239 -2.57 -29.27 20.46
CA ASP A 239 -1.23 -28.73 20.71
C ASP A 239 -1.25 -27.28 21.20
N ASP A 240 -2.38 -26.59 21.05
CA ASP A 240 -2.45 -25.19 21.47
C ASP A 240 -2.21 -25.12 22.99
N LEU A 241 -1.22 -24.31 23.41
CA LEU A 241 -0.87 -24.21 24.85
C LEU A 241 -2.00 -23.65 25.74
N GLY A 242 -2.74 -22.67 25.22
CA GLY A 242 -3.94 -22.20 25.89
C GLY A 242 -5.00 -23.27 26.06
N VAL A 243 -5.20 -24.10 25.02
CA VAL A 243 -6.14 -25.20 25.10
C VAL A 243 -5.71 -26.22 26.16
N ARG A 244 -4.42 -26.59 26.15
CA ARG A 244 -3.90 -27.55 27.13
C ARG A 244 -4.09 -27.06 28.58
N ARG A 245 -3.75 -25.80 28.81
CA ARG A 245 -3.97 -25.14 30.12
C ARG A 245 -5.43 -25.20 30.57
N ALA A 246 -6.35 -24.81 29.69
CA ALA A 246 -7.80 -24.81 30.02
C ALA A 246 -8.35 -26.20 30.32
N VAL A 247 -8.01 -27.17 29.48
CA VAL A 247 -8.50 -28.54 29.66
C VAL A 247 -7.92 -29.18 30.93
N SER A 248 -6.66 -28.86 31.22
CA SER A 248 -6.00 -29.35 32.44
C SER A 248 -6.63 -28.78 33.70
N ARG A 249 -6.91 -27.47 33.69
CA ARG A 249 -7.56 -26.77 34.79
C ARG A 249 -8.99 -27.27 35.06
N LEU A 250 -9.72 -27.56 33.99
CA LEU A 250 -11.07 -28.08 34.09
C LEU A 250 -11.17 -29.51 34.61
N TYR A 251 -10.32 -30.39 34.11
CA TYR A 251 -10.49 -31.83 34.29
C TYR A 251 -9.41 -32.52 35.09
N PHE A 252 -8.28 -31.85 35.28
CA PHE A 252 -7.10 -32.48 35.86
C PHE A 252 -6.56 -31.65 37.01
N ASN A 253 -7.45 -30.84 37.60
CA ASN A 253 -7.12 -29.95 38.72
C ASN A 253 -5.82 -29.15 38.55
N GLY A 254 -5.59 -28.65 37.35
CA GLY A 254 -4.46 -27.77 37.09
C GLY A 254 -3.15 -28.47 36.80
N GLU A 255 -3.12 -29.80 36.87
CA GLU A 255 -1.92 -30.55 36.51
C GLU A 255 -1.82 -30.61 34.97
N ILE A 256 -0.86 -29.85 34.43
CA ILE A 256 -0.68 -29.72 32.97
C ILE A 256 -0.58 -31.07 32.23
N GLN A 257 -1.46 -31.27 31.25
CA GLN A 257 -1.52 -32.50 30.48
C GLN A 257 -0.91 -32.32 29.10
N SER A 258 -0.54 -33.45 28.48
CA SER A 258 0.00 -33.49 27.12
C SER A 258 -1.11 -33.28 26.08
N ALA A 259 -0.72 -32.89 24.87
CA ALA A 259 -1.67 -32.75 23.76
C ALA A 259 -2.42 -34.06 23.47
N GLU A 260 -1.73 -35.20 23.58
CA GLU A 260 -2.39 -36.49 23.33
C GLU A 260 -3.52 -36.80 24.34
N LYS A 261 -3.32 -36.43 25.59
CA LYS A 261 -4.32 -36.61 26.64
C LYS A 261 -5.51 -35.65 26.45
N VAL A 262 -5.20 -34.41 26.06
CA VAL A 262 -6.21 -33.42 25.73
C VAL A 262 -7.07 -33.89 24.54
N ARG A 263 -6.42 -34.40 23.49
CA ARG A 263 -7.14 -35.02 22.38
C ARG A 263 -8.09 -36.13 22.80
N GLU A 264 -7.64 -36.94 23.76
CA GLU A 264 -8.41 -38.06 24.28
C GLU A 264 -9.66 -37.54 25.00
N ILE A 265 -9.49 -36.56 25.87
CA ILE A 265 -10.60 -35.83 26.53
C ILE A 265 -11.62 -35.25 25.53
N ALA A 266 -11.14 -34.52 24.53
CA ALA A 266 -12.03 -33.97 23.51
C ALA A 266 -12.84 -35.05 22.79
N ARG A 267 -12.20 -36.16 22.44
CA ARG A 267 -12.90 -37.28 21.83
C ARG A 267 -13.99 -37.82 22.74
N GLU A 268 -13.65 -38.00 24.02
CA GLU A 268 -14.57 -38.60 25.00
C GLU A 268 -15.71 -37.66 25.45
N ARG A 269 -15.40 -36.36 25.61
CA ARG A 269 -16.33 -35.44 26.24
C ARG A 269 -16.92 -34.35 25.35
N PHE A 270 -16.23 -34.01 24.25
CA PHE A 270 -16.66 -32.84 23.46
C PHE A 270 -17.43 -33.22 22.18
N GLY A 271 -17.07 -34.36 21.59
CA GLY A 271 -17.78 -34.92 20.44
C GLY A 271 -18.04 -33.89 19.34
N ARG A 272 -19.28 -33.86 18.85
CA ARG A 272 -19.64 -33.04 17.67
C ARG A 272 -19.55 -31.53 18.00
N PHE A 273 -19.46 -31.23 19.28
CA PHE A 273 -19.44 -29.82 19.75
C PHE A 273 -18.05 -29.33 20.13
N ALA A 274 -17.00 -30.08 19.78
CA ALA A 274 -15.62 -29.70 20.16
C ALA A 274 -15.24 -28.29 19.69
N ARG A 275 -15.64 -27.93 18.45
CA ARG A 275 -15.34 -26.57 17.91
C ARG A 275 -16.01 -25.42 18.70
N ASP A 276 -17.24 -25.63 19.17
CA ASP A 276 -17.92 -24.64 20.01
C ASP A 276 -17.25 -24.57 21.37
N ILE A 277 -17.01 -25.74 21.95
CA ILE A 277 -16.33 -25.79 23.26
C ILE A 277 -14.94 -25.15 23.23
N LEU A 278 -14.24 -25.28 22.10
CA LEU A 278 -12.96 -24.66 21.94
C LEU A 278 -13.00 -23.14 22.22
N PHE A 279 -14.04 -22.45 21.73
CA PHE A 279 -14.17 -21.00 21.98
C PHE A 279 -14.40 -20.68 23.48
N TYR A 280 -15.20 -21.52 24.15
CA TYR A 280 -15.36 -21.44 25.62
C TYR A 280 -14.03 -21.67 26.35
N LEU A 281 -13.19 -22.59 25.86
CA LEU A 281 -11.86 -22.85 26.44
C LEU A 281 -10.92 -21.63 26.24
N PHE A 282 -11.00 -20.97 25.08
CA PHE A 282 -10.22 -19.73 24.87
C PHE A 282 -10.64 -18.67 25.90
N LEU A 283 -11.95 -18.49 26.08
CA LEU A 283 -12.43 -17.50 27.05
C LEU A 283 -11.93 -17.84 28.47
N TYR A 284 -12.01 -19.13 28.82
CA TYR A 284 -11.63 -19.66 30.13
C TYR A 284 -10.15 -19.43 30.38
N ASP A 285 -9.34 -19.75 29.37
CA ASP A 285 -7.89 -19.51 29.45
C ASP A 285 -7.55 -18.02 29.58
N ARG A 286 -8.27 -17.17 28.86
CA ARG A 286 -8.01 -15.73 28.88
C ARG A 286 -8.53 -15.09 30.17
N PHE A 287 -9.70 -15.56 30.64
CA PHE A 287 -10.49 -14.85 31.68
C PHE A 287 -10.60 -15.53 33.04
N PHE A 288 -10.08 -16.75 33.15
CA PHE A 288 -10.08 -17.45 34.41
C PHE A 288 -8.82 -18.33 34.50
N SER A 289 -7.66 -17.68 34.24
CA SER A 289 -6.31 -18.25 34.50
C SER A 289 -5.15 -17.56 33.77
N LYS A 290 -5.38 -17.15 32.52
CA LYS A 290 -4.32 -16.71 31.58
C LYS A 290 -2.99 -17.46 31.67
N GLU A 293 2.19 -17.39 39.99
CA GLU A 293 2.49 -16.11 40.63
C GLU A 293 2.94 -16.26 42.10
N LEU A 294 2.89 -15.15 42.83
CA LEU A 294 3.45 -15.08 44.18
C LEU A 294 4.79 -15.79 44.30
N VAL A 295 5.85 -15.00 44.38
CA VAL A 295 7.17 -15.52 44.62
C VAL A 295 7.55 -15.32 46.09
N MET B 1 2.24 -1.61 -32.59
CA MET B 1 3.02 -0.52 -31.92
C MET B 1 2.47 0.81 -32.39
N TRP B 2 3.14 1.89 -31.98
CA TRP B 2 2.83 3.23 -32.46
C TRP B 2 4.15 3.94 -32.68
N ARG B 3 4.13 4.99 -33.50
CA ARG B 3 5.34 5.71 -33.84
C ARG B 3 5.16 7.21 -33.67
N ILE B 4 6.15 7.83 -33.03
CA ILE B 4 6.21 9.30 -32.98
C ILE B 4 7.21 9.79 -34.00
N GLU B 5 6.71 10.54 -34.98
CA GLU B 5 7.54 11.04 -36.08
C GLU B 5 7.97 12.46 -35.83
N LEU B 6 9.28 12.70 -35.85
CA LEU B 6 9.85 14.00 -35.54
C LEU B 6 10.34 14.71 -36.80
N LYS B 7 10.30 16.05 -36.77
CA LYS B 7 10.89 16.90 -37.83
C LYS B 7 12.42 16.86 -37.82
N HIS B 8 12.98 16.75 -36.62
CA HIS B 8 14.40 16.87 -36.37
C HIS B 8 14.95 15.62 -35.64
N ALA B 9 16.17 15.21 -35.94
CA ALA B 9 16.82 14.11 -35.22
C ALA B 9 16.87 14.42 -33.73
N VAL B 10 16.77 13.38 -32.92
CA VAL B 10 17.08 13.47 -31.47
C VAL B 10 18.12 12.41 -31.11
N ASN B 11 19.05 12.75 -30.22
CA ASN B 11 20.00 11.77 -29.76
C ASN B 11 19.37 11.08 -28.54
N TRP B 12 18.75 9.92 -28.78
CA TRP B 12 18.12 9.14 -27.68
C TRP B 12 19.10 8.80 -26.54
N GLU B 13 20.34 8.45 -26.88
CA GLU B 13 21.31 8.11 -25.83
C GLU B 13 21.55 9.29 -24.89
N LEU B 14 21.59 10.49 -25.43
CA LEU B 14 21.72 11.71 -24.59
C LEU B 14 20.48 11.98 -23.74
N LYS B 15 19.29 11.83 -24.33
CA LYS B 15 18.02 11.87 -23.55
C LYS B 15 18.05 10.92 -22.36
N MET B 16 18.50 9.68 -22.60
CA MET B 16 18.53 8.65 -21.56
C MET B 16 19.60 8.91 -20.49
N LYS B 17 20.69 9.57 -20.88
CA LYS B 17 21.78 9.95 -20.00
C LYS B 17 21.28 10.89 -18.91
N PHE B 18 20.15 11.56 -19.18
CA PHE B 18 19.55 12.49 -18.21
C PHE B 18 19.05 11.79 -16.93
N PHE B 19 18.80 10.47 -17.00
CA PHE B 19 18.39 9.70 -15.84
C PHE B 19 19.61 9.31 -15.04
N VAL B 20 19.59 9.58 -13.73
CA VAL B 20 20.83 9.39 -12.95
C VAL B 20 21.01 7.96 -12.45
N LEU B 21 19.89 7.28 -12.24
CA LEU B 21 19.86 5.90 -11.78
C LEU B 21 18.93 5.09 -12.70
N PRO B 22 19.35 4.85 -13.95
CA PRO B 22 18.41 4.37 -14.97
C PRO B 22 17.80 3.01 -14.63
N GLU B 23 18.57 2.10 -14.03
CA GLU B 23 18.08 0.74 -13.80
C GLU B 23 17.13 0.61 -12.60
N LEU B 24 17.23 1.53 -11.66
CA LEU B 24 16.36 1.50 -10.48
C LEU B 24 15.05 2.19 -10.84
N PRO B 25 13.89 1.57 -10.49
CA PRO B 25 12.60 2.22 -10.78
C PRO B 25 12.35 3.49 -9.96
N THR B 26 12.52 4.64 -10.63
CA THR B 26 12.45 5.90 -9.92
C THR B 26 11.27 6.88 -10.25
N PRO B 27 10.13 6.47 -10.87
CA PRO B 27 9.64 5.13 -11.28
C PRO B 27 10.20 4.63 -12.62
N ASP B 28 10.78 5.54 -13.40
CA ASP B 28 11.33 5.20 -14.74
C ASP B 28 12.43 4.14 -14.63
N VAL B 29 12.40 3.21 -15.58
CA VAL B 29 13.51 2.26 -15.81
C VAL B 29 14.03 2.38 -17.25
N VAL B 30 15.34 2.47 -17.40
CA VAL B 30 15.96 2.50 -18.72
C VAL B 30 16.91 1.28 -18.74
N GLU B 31 16.68 0.39 -19.69
CA GLU B 31 17.45 -0.86 -19.79
C GLU B 31 17.71 -1.09 -21.27
N SER B 32 18.99 -1.16 -21.60
CA SER B 32 19.45 -1.33 -22.98
C SER B 32 18.83 -0.32 -23.92
N GLY B 33 18.79 0.93 -23.47
CA GLY B 33 18.26 2.03 -24.26
C GLY B 33 16.76 2.02 -24.46
N VAL B 34 16.04 1.18 -23.72
CA VAL B 34 14.57 1.17 -23.78
C VAL B 34 14.04 1.77 -22.47
N TRP B 35 13.22 2.82 -22.59
CA TRP B 35 12.61 3.51 -21.43
C TRP B 35 11.22 2.95 -21.15
N ARG B 36 10.84 2.82 -19.88
CA ARG B 36 9.48 2.43 -19.55
C ARG B 36 9.03 2.88 -18.18
N ARG B 37 7.74 3.08 -18.06
CA ARG B 37 7.07 3.27 -16.78
C ARG B 37 5.60 2.91 -16.89
N ALA B 38 4.97 2.80 -15.72
CA ALA B 38 3.54 2.73 -15.66
C ALA B 38 3.06 4.16 -15.49
N ILE B 39 2.00 4.50 -16.22
CA ILE B 39 1.34 5.79 -16.02
C ILE B 39 -0.13 5.57 -15.73
N VAL B 40 -0.69 6.50 -14.96
CA VAL B 40 -2.11 6.48 -14.65
C VAL B 40 -2.86 7.20 -15.76
N LEU B 41 -3.81 6.49 -16.38
CA LEU B 41 -4.52 6.99 -17.55
C LEU B 41 -5.99 6.63 -17.46
N ASP B 42 -6.85 7.65 -17.60
CA ASP B 42 -8.31 7.48 -17.49
C ASP B 42 -8.66 6.62 -16.26
N GLY B 43 -8.06 6.98 -15.13
CA GLY B 43 -8.29 6.31 -13.85
C GLY B 43 -7.60 4.99 -13.55
N ARG B 44 -6.73 4.49 -14.43
CA ARG B 44 -6.05 3.21 -14.20
C ARG B 44 -4.60 3.20 -14.74
N ALA B 45 -3.76 2.33 -14.20
CA ALA B 45 -2.33 2.27 -14.58
C ALA B 45 -2.13 1.43 -15.85
N VAL B 46 -1.45 2.02 -16.83
CA VAL B 46 -1.12 1.34 -18.09
C VAL B 46 0.41 1.24 -18.26
N ALA B 47 0.85 0.21 -18.98
CA ALA B 47 2.27 0.02 -19.33
C ALA B 47 2.62 0.84 -20.58
N VAL B 48 3.72 1.58 -20.51
CA VAL B 48 4.21 2.32 -21.67
C VAL B 48 5.72 2.15 -21.76
N MET B 49 6.21 1.85 -22.98
CA MET B 49 7.65 1.82 -23.25
C MET B 49 7.95 2.55 -24.56
N ALA B 50 9.18 3.02 -24.66
CA ALA B 50 9.60 3.82 -25.80
C ALA B 50 11.08 3.62 -26.11
N TYR B 51 11.42 3.64 -27.41
CA TYR B 51 12.79 3.46 -27.89
C TYR B 51 12.83 3.88 -29.38
N PRO B 52 13.99 4.35 -29.85
CA PRO B 52 14.10 4.85 -31.21
C PRO B 52 14.18 3.70 -32.23
N GLU B 53 13.57 3.87 -33.38
CA GLU B 53 13.93 3.00 -34.48
C GLU B 53 14.89 3.68 -35.47
N SER B 54 14.94 5.02 -35.39
CA SER B 54 15.94 5.82 -36.13
C SER B 54 16.05 7.20 -35.46
N GLU B 55 16.91 8.03 -36.04
CA GLU B 55 17.11 9.42 -35.56
C GLU B 55 15.83 10.24 -35.35
N ARG B 56 14.82 10.04 -36.22
CA ARG B 56 13.59 10.83 -36.20
C ARG B 56 12.33 10.06 -35.91
N THR B 57 12.47 8.83 -35.43
CA THR B 57 11.29 8.02 -35.15
C THR B 57 11.41 7.31 -33.81
N ILE B 58 10.47 7.63 -32.89
CA ILE B 58 10.41 6.94 -31.61
C ILE B 58 9.25 5.94 -31.63
N VAL B 59 9.55 4.66 -31.36
CA VAL B 59 8.50 3.63 -31.21
C VAL B 59 7.92 3.64 -29.78
N VAL B 60 6.61 3.55 -29.68
CA VAL B 60 5.93 3.37 -28.38
C VAL B 60 5.16 2.05 -28.37
N GLU B 61 5.35 1.26 -27.32
CA GLU B 61 4.58 0.05 -27.10
C GLU B 61 3.91 0.16 -25.75
N GLY B 62 2.75 -0.49 -25.60
CA GLY B 62 2.01 -0.45 -24.34
C GLY B 62 0.62 -1.07 -24.42
N ASN B 63 -0.01 -1.19 -23.26
CA ASN B 63 -1.32 -1.84 -23.14
C ASN B 63 -2.53 -0.91 -22.99
N PHE B 64 -2.38 0.36 -23.38
CA PHE B 64 -3.48 1.31 -23.48
C PHE B 64 -4.24 1.04 -24.79
N GLU B 65 -5.43 1.61 -24.94
CA GLU B 65 -6.25 1.42 -26.14
C GLU B 65 -5.82 2.33 -27.29
N ASN B 66 -6.15 1.94 -28.51
CA ASN B 66 -5.89 2.78 -29.70
C ASN B 66 -6.47 4.18 -29.56
N ARG B 67 -7.64 4.29 -28.96
CA ARG B 67 -8.29 5.59 -28.79
C ARG B 67 -7.51 6.52 -27.86
N GLU B 68 -6.64 5.92 -27.04
CA GLU B 68 -5.87 6.66 -26.04
C GLU B 68 -4.50 7.16 -26.54
N TRP B 69 -4.14 6.76 -27.77
CA TRP B 69 -2.84 7.07 -28.33
C TRP B 69 -2.54 8.58 -28.39
N GLU B 70 -3.45 9.39 -28.94
CA GLU B 70 -3.15 10.83 -29.02
C GLU B 70 -2.82 11.41 -27.62
N ALA B 71 -3.54 10.98 -26.60
CA ALA B 71 -3.28 11.39 -25.21
C ALA B 71 -1.88 10.96 -24.71
N VAL B 72 -1.53 9.67 -24.92
CA VAL B 72 -0.21 9.13 -24.57
C VAL B 72 0.90 9.82 -25.36
N ARG B 73 0.70 10.01 -26.67
CA ARG B 73 1.70 10.65 -27.51
C ARG B 73 2.00 12.04 -26.98
N ARG B 74 0.95 12.80 -26.66
CA ARG B 74 1.12 14.15 -26.12
C ARG B 74 1.96 14.14 -24.84
N LYS B 75 1.60 13.27 -23.92
CA LYS B 75 2.32 13.12 -22.63
C LYS B 75 3.81 12.79 -22.86
N LEU B 76 4.08 11.86 -23.78
CA LEU B 76 5.48 11.47 -24.02
C LEU B 76 6.28 12.54 -24.73
N VAL B 77 5.67 13.24 -25.69
CA VAL B 77 6.35 14.35 -26.36
C VAL B 77 6.78 15.42 -25.34
N GLU B 78 5.88 15.75 -24.44
CA GLU B 78 6.16 16.77 -23.42
C GLU B 78 7.19 16.27 -22.39
N TYR B 79 7.01 15.06 -21.89
CA TYR B 79 7.88 14.53 -20.85
C TYR B 79 9.32 14.32 -21.34
N LEU B 80 9.45 13.73 -22.52
CA LEU B 80 10.76 13.35 -23.05
C LEU B 80 11.43 14.51 -23.76
N GLY B 81 10.65 15.54 -24.09
CA GLY B 81 11.20 16.76 -24.70
C GLY B 81 11.56 16.49 -26.17
N LEU B 82 10.57 16.06 -26.93
CA LEU B 82 10.84 15.64 -28.32
C LEU B 82 10.50 16.69 -29.38
N GLN B 83 10.05 17.87 -28.94
CA GLN B 83 9.71 19.00 -29.85
C GLN B 83 10.90 19.51 -30.66
N ASN B 84 10.61 20.02 -31.86
CA ASN B 84 11.60 20.58 -32.75
C ASN B 84 12.55 21.61 -32.07
N PRO B 85 13.85 21.29 -31.95
CA PRO B 85 14.84 22.21 -31.29
C PRO B 85 15.55 23.20 -32.25
N GLU B 86 15.10 23.27 -33.50
CA GLU B 86 15.75 24.18 -34.48
C GLU B 86 15.96 25.60 -33.93
N GLU B 87 14.91 26.20 -33.38
CA GLU B 87 14.98 27.59 -32.88
C GLU B 87 15.89 27.73 -31.65
N LEU B 88 15.76 26.77 -30.72
CA LEU B 88 16.69 26.68 -29.58
C LEU B 88 18.15 26.62 -30.01
N TYR B 89 18.45 25.75 -30.97
CA TYR B 89 19.81 25.55 -31.41
C TYR B 89 20.41 26.81 -32.03
N ARG B 90 19.61 27.48 -32.84
CA ARG B 90 20.02 28.78 -33.44
C ARG B 90 20.33 29.82 -32.37
N PHE B 91 19.49 29.84 -31.34
CA PHE B 91 19.64 30.78 -30.24
C PHE B 91 20.96 30.49 -29.49
N MET B 92 21.20 29.21 -29.14
CA MET B 92 22.40 28.83 -28.42
C MET B 92 23.67 29.18 -29.21
N ASP B 93 23.58 29.06 -30.53
CA ASP B 93 24.69 29.44 -31.42
C ASP B 93 25.14 30.90 -31.23
N GLY B 94 24.19 31.76 -30.86
CA GLY B 94 24.44 33.19 -30.66
C GLY B 94 25.15 33.63 -29.38
N ASP B 95 25.48 32.69 -28.50
CA ASP B 95 26.27 32.95 -27.28
C ASP B 95 27.43 31.98 -27.30
N GLU B 96 28.66 32.46 -27.11
CA GLU B 96 29.81 31.57 -27.28
C GLU B 96 29.77 30.37 -26.33
N LYS B 97 29.45 30.63 -25.05
CA LYS B 97 29.37 29.57 -24.04
C LYS B 97 28.19 28.64 -24.30
N LEU B 98 27.04 29.19 -24.73
CA LEU B 98 25.87 28.34 -25.08
C LEU B 98 26.17 27.47 -26.28
N ARG B 99 26.88 28.04 -27.26
CA ARG B 99 27.27 27.27 -28.44
C ARG B 99 28.10 26.05 -28.03
N MET B 100 29.03 26.26 -27.11
CA MET B 100 29.89 25.20 -26.57
C MET B 100 29.07 24.12 -25.83
N LEU B 101 28.11 24.57 -25.03
N LEU B 101 28.12 24.56 -25.00
CA LEU B 101 27.21 23.67 -24.31
CA LEU B 101 27.17 23.66 -24.31
C LEU B 101 26.31 22.87 -25.25
C LEU B 101 26.36 22.84 -25.30
N LYS B 102 25.79 23.52 -26.29
CA LYS B 102 25.02 22.84 -27.32
C LYS B 102 25.87 21.77 -28.01
N ASN B 103 27.10 22.08 -28.35
CA ASN B 103 27.94 21.10 -29.04
C ASN B 103 28.35 19.91 -28.16
N ARG B 104 28.57 20.19 -26.88
CA ARG B 104 28.92 19.14 -25.95
C ARG B 104 27.78 18.12 -25.83
N PHE B 105 26.53 18.61 -25.78
CA PHE B 105 25.36 17.73 -25.63
C PHE B 105 24.52 17.75 -26.90
N TYR B 106 25.20 17.80 -28.06
CA TYR B 106 24.45 17.97 -29.29
C TYR B 106 23.51 16.81 -29.53
N GLY B 107 22.26 17.12 -29.82
CA GLY B 107 21.19 16.14 -30.09
C GLY B 107 20.29 15.95 -28.89
N PHE B 108 20.65 16.56 -27.76
CA PHE B 108 19.73 16.50 -26.59
C PHE B 108 18.39 17.21 -26.87
N GLY B 109 18.38 18.22 -27.74
CA GLY B 109 17.13 18.91 -28.14
C GLY B 109 16.56 19.81 -27.04
N ARG B 110 15.24 19.94 -27.05
CA ARG B 110 14.57 20.76 -26.04
C ARG B 110 14.41 20.00 -24.72
N ALA B 111 14.23 20.76 -23.65
CA ALA B 111 13.90 20.15 -22.35
C ALA B 111 12.54 19.48 -22.32
N GLY B 112 12.48 18.32 -21.67
CA GLY B 112 11.19 17.66 -21.35
C GLY B 112 10.74 18.12 -19.95
N LEU B 113 10.26 17.19 -19.15
CA LEU B 113 9.91 17.44 -17.75
C LEU B 113 10.56 16.37 -16.89
N MET B 114 10.59 16.59 -15.58
CA MET B 114 11.17 15.58 -14.66
C MET B 114 10.13 14.76 -13.87
N SER B 115 8.88 14.84 -14.33
CA SER B 115 7.72 14.11 -13.78
C SER B 115 6.60 14.00 -14.81
N MET B 116 5.76 12.97 -14.63
N MET B 116 5.75 12.99 -14.61
CA MET B 116 4.61 12.73 -15.49
CA MET B 116 4.61 12.69 -15.47
C MET B 116 3.31 13.35 -14.96
C MET B 116 3.28 13.16 -14.85
N SER B 117 3.37 13.84 -13.70
CA SER B 117 2.23 14.57 -13.10
C SER B 117 2.77 15.66 -12.21
N VAL B 118 1.93 16.68 -12.01
CA VAL B 118 2.29 17.79 -11.12
C VAL B 118 2.55 17.25 -9.71
N PHE B 119 1.71 16.31 -9.28
CA PHE B 119 1.88 15.75 -7.90
C PHE B 119 3.27 15.08 -7.73
N GLU B 120 3.64 14.22 -8.66
CA GLU B 120 4.99 13.63 -8.69
C GLU B 120 6.10 14.69 -8.63
N GLY B 121 5.97 15.73 -9.44
CA GLY B 121 7.00 16.82 -9.53
C GLY B 121 7.17 17.52 -8.19
N ILE B 122 6.06 17.89 -7.57
CA ILE B 122 6.11 18.56 -6.26
C ILE B 122 6.72 17.63 -5.22
N ALA B 123 6.24 16.39 -5.17
CA ALA B 123 6.70 15.42 -4.15
C ALA B 123 8.21 15.22 -4.28
N LYS B 124 8.68 15.03 -5.51
CA LYS B 124 10.09 14.84 -5.72
C LYS B 124 10.94 16.07 -5.38
N ALA B 125 10.41 17.28 -5.65
CA ALA B 125 11.13 18.52 -5.34
C ALA B 125 11.26 18.64 -3.80
N ILE B 126 10.22 18.24 -3.09
CA ILE B 126 10.24 18.21 -1.61
C ILE B 126 11.29 17.21 -1.09
N ILE B 127 11.25 16.00 -1.62
CA ILE B 127 12.19 14.93 -1.22
C ILE B 127 13.62 15.44 -1.33
N GLN B 128 13.93 16.15 -2.41
CA GLN B 128 15.27 16.71 -2.65
C GLN B 128 15.76 17.82 -1.70
N GLN B 129 14.89 18.37 -0.85
CA GLN B 129 15.31 19.56 -0.04
C GLN B 129 16.45 19.16 0.90
N GLN B 130 17.56 19.89 0.80
CA GLN B 130 18.74 19.75 1.70
C GLN B 130 19.48 18.41 1.59
N ILE B 131 19.22 17.67 0.50
CA ILE B 131 19.99 16.47 0.19
C ILE B 131 20.42 16.48 -1.29
N SER B 132 21.30 15.54 -1.66
CA SER B 132 21.71 15.45 -3.06
C SER B 132 20.62 14.84 -3.96
N PHE B 133 20.73 15.12 -5.27
CA PHE B 133 19.75 14.56 -6.23
C PHE B 133 19.81 13.05 -6.27
N VAL B 134 21.02 12.48 -6.19
CA VAL B 134 21.17 11.01 -6.18
C VAL B 134 20.50 10.35 -4.97
N VAL B 135 20.74 10.91 -3.79
CA VAL B 135 20.06 10.44 -2.56
C VAL B 135 18.52 10.58 -2.71
N ALA B 136 18.07 11.68 -3.30
CA ALA B 136 16.63 11.92 -3.47
C ALA B 136 16.01 10.85 -4.39
N GLU B 137 16.74 10.50 -5.45
CA GLU B 137 16.26 9.53 -6.41
C GLU B 137 16.12 8.16 -5.75
N LYS B 138 17.08 7.82 -4.91
CA LYS B 138 17.00 6.56 -4.15
C LYS B 138 15.81 6.55 -3.21
N LEU B 139 15.51 7.68 -2.54
CA LEU B 139 14.28 7.78 -1.73
C LEU B 139 13.01 7.63 -2.59
N ALA B 140 13.01 8.27 -3.77
CA ALA B 140 11.86 8.12 -4.68
C ALA B 140 11.63 6.63 -5.04
N ALA B 141 12.71 5.91 -5.32
CA ALA B 141 12.63 4.47 -5.71
C ALA B 141 12.06 3.61 -4.57
N LYS B 142 12.43 3.93 -3.33
CA LYS B 142 11.84 3.31 -2.14
C LYS B 142 10.35 3.51 -2.07
N ILE B 143 9.91 4.76 -2.23
CA ILE B 143 8.50 5.11 -2.20
C ILE B 143 7.73 4.46 -3.36
N VAL B 144 8.36 4.45 -4.53
CA VAL B 144 7.76 3.82 -5.72
C VAL B 144 7.62 2.32 -5.48
N GLY B 145 8.69 1.70 -4.99
CA GLY B 145 8.69 0.26 -4.74
C GLY B 145 7.60 -0.16 -3.77
N ARG B 146 7.33 0.64 -2.75
CA ARG B 146 6.36 0.26 -1.71
C ARG B 146 4.94 0.69 -2.03
N PHE B 147 4.75 1.87 -2.64
CA PHE B 147 3.44 2.49 -2.77
C PHE B 147 3.01 2.88 -4.19
N GLY B 148 3.90 2.68 -5.15
CA GLY B 148 3.59 3.03 -6.53
C GLY B 148 2.87 1.89 -7.22
N ASP B 149 2.22 2.22 -8.33
CA ASP B 149 1.63 1.17 -9.18
C ASP B 149 2.69 0.29 -9.81
N GLU B 150 2.34 -1.00 -10.03
CA GLU B 150 3.19 -1.93 -10.74
C GLU B 150 2.29 -2.64 -11.76
N VAL B 151 2.70 -2.64 -13.02
CA VAL B 151 1.91 -3.24 -14.09
C VAL B 151 2.80 -4.29 -14.71
N GLU B 152 2.24 -5.50 -14.88
CA GLU B 152 2.92 -6.56 -15.56
C GLU B 152 2.26 -6.68 -16.93
N TRP B 153 3.08 -6.53 -17.98
CA TRP B 153 2.63 -6.64 -19.36
C TRP B 153 3.76 -7.24 -20.19
N ASN B 154 3.45 -8.30 -20.93
CA ASN B 154 4.45 -9.00 -21.76
C ASN B 154 5.69 -9.46 -20.98
N GLY B 155 5.46 -9.97 -19.76
CA GLY B 155 6.54 -10.45 -18.89
C GLY B 155 7.57 -9.40 -18.45
N LEU B 156 7.18 -8.12 -18.53
CA LEU B 156 7.96 -7.02 -17.94
C LEU B 156 7.13 -6.26 -16.91
N LYS B 157 7.82 -5.73 -15.90
CA LYS B 157 7.21 -4.94 -14.85
C LYS B 157 7.42 -3.44 -15.12
N PHE B 158 6.33 -2.69 -15.08
CA PHE B 158 6.32 -1.23 -15.29
C PHE B 158 5.91 -0.57 -13.98
N TYR B 159 6.67 0.43 -13.54
CA TYR B 159 6.44 1.04 -12.23
C TYR B 159 5.96 2.48 -12.40
N GLY B 160 5.06 2.91 -11.53
CA GLY B 160 4.54 4.30 -11.53
C GLY B 160 4.82 5.00 -10.21
N PHE B 161 4.84 6.33 -10.24
CA PHE B 161 4.91 7.09 -8.99
C PHE B 161 3.59 6.93 -8.24
N PRO B 162 3.64 6.84 -6.88
CA PRO B 162 2.36 6.70 -6.14
C PRO B 162 1.33 7.79 -6.45
N THR B 163 0.05 7.40 -6.52
CA THR B 163 -1.06 8.32 -6.68
C THR B 163 -1.24 9.11 -5.39
N GLN B 164 -1.96 10.22 -5.45
CA GLN B 164 -2.31 10.96 -4.23
C GLN B 164 -3.02 10.03 -3.23
N GLU B 165 -3.93 9.20 -3.74
CA GLU B 165 -4.68 8.24 -2.88
C GLU B 165 -3.75 7.26 -2.16
N ALA B 166 -2.77 6.73 -2.90
CA ALA B 166 -1.75 5.81 -2.36
C ALA B 166 -0.92 6.46 -1.27
N ILE B 167 -0.56 7.73 -1.47
CA ILE B 167 0.23 8.48 -0.46
C ILE B 167 -0.57 8.75 0.82
N LEU B 168 -1.86 9.04 0.67
CA LEU B 168 -2.71 9.30 1.83
C LEU B 168 -2.85 7.99 2.63
N LYS B 169 -2.90 6.88 1.90
CA LYS B 169 -2.98 5.54 2.51
C LYS B 169 -1.68 5.20 3.23
N ALA B 170 -0.55 5.43 2.54
CA ALA B 170 0.79 5.33 3.12
C ALA B 170 0.88 6.16 4.42
N GLY B 171 0.43 7.42 4.34
CA GLY B 171 0.45 8.38 5.44
C GLY B 171 1.86 8.75 5.85
N VAL B 172 1.94 9.58 6.89
CA VAL B 172 3.20 10.09 7.41
C VAL B 172 4.11 8.94 7.79
N GLU B 173 3.58 7.94 8.52
CA GLU B 173 4.43 6.83 8.95
C GLU B 173 4.98 5.96 7.82
N GLY B 174 4.20 5.69 6.77
CA GLY B 174 4.75 4.90 5.64
C GLY B 174 5.88 5.61 4.93
N LEU B 175 5.72 6.91 4.73
CA LEU B 175 6.75 7.71 4.12
C LEU B 175 8.00 7.78 5.02
N ARG B 176 7.80 7.95 6.33
CA ARG B 176 8.93 7.93 7.27
C ARG B 176 9.67 6.57 7.24
N GLU B 177 8.93 5.45 7.19
CA GLU B 177 9.57 4.13 7.11
C GLU B 177 10.40 3.90 5.85
N CYS B 178 10.02 4.61 4.78
CA CYS B 178 10.75 4.56 3.52
C CYS B 178 12.02 5.44 3.55
N GLY B 179 12.12 6.31 4.55
CA GLY B 179 13.36 7.08 4.77
C GLY B 179 13.19 8.59 4.86
N LEU B 180 11.97 9.10 4.67
CA LEU B 180 11.73 10.56 4.76
C LEU B 180 11.65 11.10 6.21
N SER B 181 12.17 12.31 6.41
CA SER B 181 11.94 13.03 7.68
C SER B 181 10.46 13.19 7.94
N ARG B 182 10.10 13.33 9.23
CA ARG B 182 8.71 13.63 9.57
C ARG B 182 8.22 14.88 8.80
N ARG B 183 9.03 15.95 8.73
CA ARG B 183 8.60 17.21 8.10
C ARG B 183 8.21 16.97 6.63
N LYS B 184 9.08 16.28 5.92
CA LYS B 184 8.86 16.00 4.46
C LYS B 184 7.66 15.07 4.25
N ALA B 185 7.57 14.03 5.09
CA ALA B 185 6.40 13.14 5.09
C ALA B 185 5.13 13.92 5.30
N GLU B 186 5.09 14.79 6.33
CA GLU B 186 3.89 15.59 6.60
C GLU B 186 3.55 16.53 5.46
N LEU B 187 4.58 17.10 4.87
CA LEU B 187 4.37 18.09 3.80
C LEU B 187 3.83 17.37 2.51
N ILE B 188 4.44 16.25 2.15
CA ILE B 188 3.94 15.44 0.99
C ILE B 188 2.50 14.96 1.25
N VAL B 189 2.19 14.50 2.48
CA VAL B 189 0.79 14.21 2.80
C VAL B 189 -0.16 15.42 2.61
N GLU B 190 0.23 16.59 3.15
N GLU B 190 0.23 16.60 3.11
CA GLU B 190 -0.53 17.84 2.94
CA GLU B 190 -0.59 17.82 2.94
C GLU B 190 -0.80 18.04 1.44
C GLU B 190 -0.77 18.24 1.46
N ILE B 191 0.24 17.98 0.63
CA ILE B 191 0.11 18.23 -0.82
C ILE B 191 -0.85 17.18 -1.46
N ALA B 192 -0.69 15.92 -1.04
CA ALA B 192 -1.58 14.81 -1.50
C ALA B 192 -3.08 15.06 -1.26
N LYS B 193 -3.43 15.84 -0.24
CA LYS B 193 -4.80 16.26 0.04
C LYS B 193 -5.41 17.27 -0.94
N GLU B 194 -4.58 17.97 -1.72
CA GLU B 194 -5.00 19.02 -2.62
C GLU B 194 -5.68 18.42 -3.84
N GLU B 195 -6.77 19.07 -4.27
CA GLU B 195 -7.47 18.64 -5.49
C GLU B 195 -6.96 19.39 -6.71
N ASN B 196 -7.13 18.78 -7.87
CA ASN B 196 -6.91 19.46 -9.14
C ASN B 196 -5.48 19.95 -9.37
N LEU B 197 -4.48 19.24 -8.83
CA LEU B 197 -3.10 19.68 -8.92
C LEU B 197 -2.58 19.75 -10.36
N GLU B 198 -3.03 18.82 -11.20
CA GLU B 198 -2.59 18.86 -12.60
C GLU B 198 -2.88 20.21 -13.26
N GLU B 199 -3.93 20.91 -12.80
CA GLU B 199 -4.30 22.22 -13.38
C GLU B 199 -3.29 23.34 -13.16
N LEU B 200 -2.38 23.12 -12.21
N LEU B 200 -2.37 23.16 -12.21
CA LEU B 200 -1.37 24.12 -11.90
CA LEU B 200 -1.35 24.17 -11.95
C LEU B 200 -0.50 24.45 -13.14
C LEU B 200 -0.55 24.50 -13.21
N LYS B 201 -0.39 23.50 -14.08
CA LYS B 201 0.32 23.73 -15.35
C LYS B 201 -0.31 24.84 -16.20
N GLU B 202 -1.59 25.10 -15.97
CA GLU B 202 -2.25 26.17 -16.71
C GLU B 202 -2.55 27.45 -15.92
N TRP B 203 -2.02 27.56 -14.70
CA TRP B 203 -2.10 28.80 -13.96
C TRP B 203 -1.03 29.76 -14.48
N GLY B 204 -1.20 31.02 -14.10
CA GLY B 204 -0.17 32.03 -14.37
C GLY B 204 1.05 31.65 -13.52
N GLU B 205 2.23 32.06 -13.99
CA GLU B 205 3.49 31.85 -13.22
C GLU B 205 3.41 32.40 -11.80
N GLU B 206 3.00 33.66 -11.66
CA GLU B 206 2.98 34.25 -10.32
C GLU B 206 1.92 33.63 -9.44
N GLU B 207 0.74 33.32 -9.99
CA GLU B 207 -0.29 32.59 -9.24
C GLU B 207 0.22 31.23 -8.71
N ALA B 208 0.90 30.51 -9.59
CA ALA B 208 1.41 29.17 -9.23
C ALA B 208 2.50 29.30 -8.16
N TYR B 209 3.33 30.33 -8.31
CA TYR B 209 4.43 30.56 -7.36
C TYR B 209 3.84 30.87 -5.97
N GLU B 210 2.84 31.76 -5.90
CA GLU B 210 2.22 32.10 -4.64
C GLU B 210 1.57 30.91 -4.01
N TYR B 211 0.89 30.09 -4.82
CA TYR B 211 0.30 28.85 -4.31
C TYR B 211 1.34 27.90 -3.68
N LEU B 212 2.38 27.58 -4.44
CA LEU B 212 3.43 26.64 -3.97
C LEU B 212 4.07 27.14 -2.67
N THR B 213 4.42 28.44 -2.64
CA THR B 213 5.15 28.99 -1.47
C THR B 213 4.22 29.22 -0.29
N SER B 214 2.90 29.13 -0.53
CA SER B 214 1.91 29.22 0.57
C SER B 214 1.99 28.03 1.53
N PHE B 215 2.59 26.92 1.11
CA PHE B 215 2.83 25.81 2.00
C PHE B 215 4.06 26.03 2.88
N LYS B 216 3.93 25.79 4.18
CA LYS B 216 5.13 25.88 5.04
C LYS B 216 6.14 24.75 4.69
N GLY B 217 7.35 25.14 4.33
CA GLY B 217 8.38 24.19 3.93
C GLY B 217 8.69 24.27 2.44
N ILE B 218 7.88 25.02 1.70
CA ILE B 218 8.13 25.28 0.27
C ILE B 218 8.52 26.74 0.10
N GLY B 219 9.76 26.97 -0.32
CA GLY B 219 10.29 28.33 -0.49
C GLY B 219 10.59 28.64 -1.95
N ARG B 220 11.38 29.70 -2.17
CA ARG B 220 11.66 30.15 -3.52
C ARG B 220 12.27 29.07 -4.41
N TRP B 221 13.31 28.40 -3.90
CA TRP B 221 14.04 27.41 -4.71
C TRP B 221 13.11 26.25 -5.12
N THR B 222 12.38 25.69 -4.16
CA THR B 222 11.52 24.55 -4.48
C THR B 222 10.42 25.00 -5.46
N ALA B 223 9.86 26.19 -5.24
CA ALA B 223 8.74 26.67 -6.10
C ALA B 223 9.25 26.89 -7.54
N GLU B 224 10.43 27.53 -7.67
CA GLU B 224 10.98 27.85 -9.00
C GLU B 224 11.41 26.59 -9.71
N LEU B 225 11.96 25.65 -8.96
CA LEU B 225 12.29 24.30 -9.50
C LEU B 225 11.04 23.59 -10.05
N VAL B 226 10.00 23.51 -9.22
CA VAL B 226 8.72 22.93 -9.66
C VAL B 226 8.19 23.64 -10.92
N LEU B 227 8.19 24.96 -10.92
CA LEU B 227 7.66 25.72 -12.02
C LEU B 227 8.38 25.32 -13.35
N SER B 228 9.71 25.23 -13.32
N SER B 228 9.70 25.17 -13.31
CA SER B 228 10.49 24.84 -14.50
CA SER B 228 10.53 24.87 -14.49
C SER B 228 10.31 23.35 -14.82
C SER B 228 10.60 23.39 -14.88
N ILE B 229 10.77 22.50 -13.91
CA ILE B 229 10.93 21.08 -14.22
C ILE B 229 9.67 20.25 -14.16
N ALA B 230 8.63 20.74 -13.47
CA ALA B 230 7.36 20.00 -13.37
C ALA B 230 6.20 20.70 -14.15
N LEU B 231 6.18 22.02 -14.18
CA LEU B 231 5.07 22.76 -14.82
C LEU B 231 5.41 23.23 -16.23
N GLY B 232 6.67 23.12 -16.63
CA GLY B 232 7.09 23.58 -17.98
C GLY B 232 7.10 25.12 -18.20
N LYS B 233 7.20 25.88 -17.12
N LYS B 233 7.16 25.90 -17.12
CA LYS B 233 7.25 27.34 -17.22
CA LYS B 233 7.20 27.37 -17.20
C LYS B 233 8.67 27.88 -17.27
C LYS B 233 8.62 27.93 -17.19
N ASN B 234 8.84 29.05 -17.89
CA ASN B 234 10.16 29.64 -18.05
C ASN B 234 10.56 30.47 -16.82
N VAL B 235 10.72 29.80 -15.68
CA VAL B 235 11.08 30.45 -14.44
C VAL B 235 12.43 29.85 -14.09
N PHE B 236 13.47 30.65 -13.98
CA PHE B 236 14.81 30.04 -13.87
C PHE B 236 15.21 29.92 -12.39
N PRO B 237 15.46 28.69 -11.87
CA PRO B 237 15.72 28.52 -10.41
C PRO B 237 17.19 28.80 -10.03
N ALA B 238 17.48 30.09 -9.92
CA ALA B 238 18.87 30.53 -9.75
C ALA B 238 19.46 30.22 -8.36
N ASP B 239 18.60 29.95 -7.37
CA ASP B 239 19.11 29.46 -6.08
C ASP B 239 19.69 28.04 -6.13
N ASP B 240 19.36 27.28 -7.17
CA ASP B 240 19.79 25.88 -7.23
C ASP B 240 21.34 25.83 -7.25
N LEU B 241 21.95 25.11 -6.32
N LEU B 241 21.94 25.10 -6.31
CA LEU B 241 23.42 25.10 -6.25
CA LEU B 241 23.41 25.08 -6.23
C LEU B 241 24.05 24.56 -7.53
C LEU B 241 24.13 24.45 -7.43
N GLY B 242 23.46 23.51 -8.10
CA GLY B 242 23.98 22.94 -9.33
C GLY B 242 23.95 23.98 -10.44
N VAL B 243 22.84 24.73 -10.52
CA VAL B 243 22.71 25.80 -11.49
C VAL B 243 23.78 26.87 -11.28
N ARG B 244 24.01 27.27 -10.02
CA ARG B 244 25.03 28.28 -9.70
C ARG B 244 26.46 27.79 -10.07
N ARG B 245 26.77 26.53 -9.77
CA ARG B 245 28.07 25.92 -10.12
C ARG B 245 28.25 25.89 -11.65
N ALA B 246 27.21 25.46 -12.37
CA ALA B 246 27.29 25.35 -13.83
C ALA B 246 27.43 26.72 -14.52
N VAL B 247 26.65 27.70 -14.14
CA VAL B 247 26.77 29.07 -14.70
C VAL B 247 28.10 29.77 -14.34
N SER B 248 28.59 29.48 -13.12
CA SER B 248 29.90 29.97 -12.63
C SER B 248 31.07 29.36 -13.42
N ARG B 249 31.03 28.06 -13.69
CA ARG B 249 32.03 27.40 -14.55
C ARG B 249 32.01 27.93 -16.00
N LEU B 250 30.82 28.20 -16.53
CA LEU B 250 30.67 28.75 -17.88
C LEU B 250 31.17 30.18 -18.07
N TYR B 251 30.74 31.10 -17.21
CA TYR B 251 30.91 32.52 -17.45
C TYR B 251 31.90 33.23 -16.52
N PHE B 252 32.35 32.52 -15.50
CA PHE B 252 33.16 33.16 -14.45
C PHE B 252 34.35 32.27 -14.06
N ASN B 253 34.77 31.39 -14.98
CA ASN B 253 35.99 30.57 -14.80
C ASN B 253 35.99 29.73 -13.52
N GLY B 254 34.81 29.33 -13.05
CA GLY B 254 34.68 28.45 -11.90
C GLY B 254 34.61 29.13 -10.55
N GLU B 255 34.65 30.47 -10.55
CA GLU B 255 34.49 31.24 -9.32
C GLU B 255 32.98 31.32 -9.00
N ILE B 256 32.55 30.72 -7.89
CA ILE B 256 31.11 30.66 -7.55
C ILE B 256 30.45 32.05 -7.43
N GLN B 257 29.34 32.21 -8.14
CA GLN B 257 28.59 33.44 -8.15
C GLN B 257 27.29 33.28 -7.36
N SER B 258 26.73 34.41 -6.92
CA SER B 258 25.47 34.47 -6.18
C SER B 258 24.27 34.10 -7.06
N ALA B 259 23.20 33.63 -6.42
CA ALA B 259 21.90 33.50 -7.12
C ALA B 259 21.53 34.75 -7.91
N GLU B 260 21.72 35.93 -7.32
CA GLU B 260 21.35 37.19 -7.93
C GLU B 260 22.13 37.43 -9.26
N LYS B 261 23.43 37.15 -9.24
CA LYS B 261 24.28 37.30 -10.45
C LYS B 261 23.87 36.27 -11.52
N VAL B 262 23.61 35.04 -11.08
CA VAL B 262 23.14 33.98 -11.99
C VAL B 262 21.77 34.35 -12.63
N ARG B 263 20.88 34.96 -11.86
CA ARG B 263 19.58 35.39 -12.38
C ARG B 263 19.76 36.49 -13.45
N GLU B 264 20.74 37.37 -13.23
CA GLU B 264 21.08 38.39 -14.20
C GLU B 264 21.62 37.79 -15.52
N ILE B 265 22.55 36.83 -15.43
CA ILE B 265 23.05 36.12 -16.59
C ILE B 265 21.89 35.51 -17.40
N ALA B 266 20.98 34.80 -16.71
CA ALA B 266 19.90 34.13 -17.41
C ALA B 266 18.95 35.12 -18.11
N ARG B 267 18.65 36.25 -17.45
CA ARG B 267 17.86 37.31 -18.08
C ARG B 267 18.51 37.85 -19.35
N GLU B 268 19.81 38.08 -19.27
CA GLU B 268 20.54 38.72 -20.38
C GLU B 268 20.84 37.77 -21.53
N ARG B 269 21.15 36.51 -21.20
CA ARG B 269 21.74 35.58 -22.17
C ARG B 269 20.88 34.38 -22.53
N PHE B 270 19.93 34.03 -21.66
CA PHE B 270 19.13 32.81 -21.91
C PHE B 270 17.72 33.10 -22.44
N GLY B 271 17.20 34.28 -22.09
CA GLY B 271 15.84 34.70 -22.52
C GLY B 271 14.75 33.64 -22.48
N ARG B 272 14.06 33.50 -23.62
CA ARG B 272 12.88 32.64 -23.75
C ARG B 272 13.24 31.15 -23.70
N PHE B 273 14.53 30.86 -23.85
CA PHE B 273 15.03 29.49 -23.81
C PHE B 273 15.67 29.06 -22.48
N ALA B 274 15.46 29.85 -21.42
CA ALA B 274 16.12 29.58 -20.13
C ALA B 274 15.73 28.19 -19.61
N ARG B 275 14.47 27.77 -19.82
CA ARG B 275 14.05 26.45 -19.28
C ARG B 275 14.74 25.29 -20.01
N ASP B 276 14.97 25.43 -21.32
CA ASP B 276 15.75 24.45 -22.09
C ASP B 276 17.21 24.46 -21.66
N ILE B 277 17.80 25.64 -21.58
CA ILE B 277 19.20 25.78 -21.17
C ILE B 277 19.44 25.22 -19.73
N LEU B 278 18.43 25.33 -18.87
CA LEU B 278 18.46 24.75 -17.53
C LEU B 278 18.85 23.26 -17.57
N PHE B 279 18.25 22.51 -18.49
CA PHE B 279 18.51 21.06 -18.57
C PHE B 279 19.97 20.80 -19.04
N TYR B 280 20.45 21.63 -19.98
CA TYR B 280 21.87 21.58 -20.41
C TYR B 280 22.81 21.88 -19.22
N LEU B 281 22.42 22.86 -18.38
CA LEU B 281 23.16 23.19 -17.15
C LEU B 281 23.22 22.02 -16.15
N PHE B 282 22.11 21.30 -16.01
CA PHE B 282 22.10 20.09 -15.14
C PHE B 282 23.08 19.05 -15.66
N LEU B 283 23.02 18.78 -16.97
CA LEU B 283 24.01 17.88 -17.56
C LEU B 283 25.47 18.33 -17.32
N TYR B 284 25.74 19.62 -17.58
CA TYR B 284 27.06 20.22 -17.41
C TYR B 284 27.58 20.07 -15.96
N ASP B 285 26.72 20.38 -14.97
CA ASP B 285 27.06 20.24 -13.56
C ASP B 285 27.33 18.79 -13.19
N ARG B 286 26.53 17.87 -13.71
CA ARG B 286 26.70 16.46 -13.37
C ARG B 286 27.99 15.93 -14.01
N PHE B 287 28.24 16.34 -15.25
CA PHE B 287 29.18 15.70 -16.23
C PHE B 287 30.41 16.52 -16.66
N PHE B 288 30.65 17.65 -16.01
CA PHE B 288 31.79 18.49 -16.32
C PHE B 288 32.09 19.37 -15.12
N SER B 289 31.92 18.78 -13.95
CA SER B 289 32.36 19.37 -12.69
C SER B 289 31.56 18.80 -11.52
N LEU B 294 42.84 19.05 -6.50
CA LEU B 294 44.13 18.70 -5.93
C LEU B 294 44.32 19.51 -4.65
N VAL B 295 45.19 19.03 -3.76
CA VAL B 295 45.47 19.74 -2.50
C VAL B 295 46.90 20.31 -2.45
#